data_5H4E
#
_entry.id   5H4E
#
_cell.length_a   45.758
_cell.length_b   72.838
_cell.length_c   56.456
_cell.angle_alpha   90.00
_cell.angle_beta   103.85
_cell.angle_gamma   90.00
#
_symmetry.space_group_name_H-M   'P 1 21 1'
#
loop_
_entity.id
_entity.type
_entity.pdbx_description
1 polymer 'beta 1-3 glucanase'
2 water water
#
_entity_poly.entity_id   1
_entity_poly.type   'polypeptide(L)'
_entity_poly.pdbx_seq_one_letter_code
;TPPLKSGFVTLQVKNNTNGQYSNDQIYWAIVGKDPDTKQFVHVDLNGNLIPMKISDNDAAGHLTKTTPDGTFNYSNYFCK
ASQQSYAYIPKIIGARMYISYGKPLYIKVNQAADGLIGYAGPNLANTSDPNTGIMFEWAEMAWTNDGLWINTTRVDQFCY
PYNIQLVGNSGYNKTYGDTGTRADLMNAYKNSVPAEFKSLVHSDRIYAPASGLGTFTASQANAHYFDSYINDVYSYYATH
ELTFTCDRGTYSGHVVGNDFVFNKNGGAYNLYIHGKPSTQEVLLGNGIFDGGNDDEKAIKAQVCAAFNRHVMLDPAHWNN
SAYFYKDAPANYFAKFWHDHSYENKSYGFCYDDVFDFSSTLHVADPKYAIINVGW
;
_entity_poly.pdbx_strand_id   A
#
# COMPACT_ATOMS: atom_id res chain seq x y z
N THR A 1 18.33 20.91 -3.19
CA THR A 1 17.72 20.68 -1.88
C THR A 1 16.46 21.52 -1.67
N PRO A 2 15.35 20.86 -1.33
CA PRO A 2 14.11 21.56 -0.98
C PRO A 2 14.28 22.41 0.28
N PRO A 3 13.38 23.37 0.49
CA PRO A 3 13.41 24.21 1.69
C PRO A 3 13.23 23.38 2.94
N LEU A 4 14.06 23.63 3.95
CA LEU A 4 14.00 22.85 5.18
C LEU A 4 13.63 23.73 6.36
N LYS A 5 13.02 23.10 7.36
CA LYS A 5 12.70 23.77 8.60
C LYS A 5 13.26 22.93 9.72
N SER A 6 13.96 23.56 10.66
CA SER A 6 14.47 22.83 11.80
C SER A 6 13.29 22.13 12.50
N GLY A 7 13.43 20.82 12.70
CA GLY A 7 12.42 20.06 13.42
C GLY A 7 11.37 19.42 12.54
N PHE A 8 11.52 19.57 11.22
CA PHE A 8 10.57 19.02 10.25
C PHE A 8 11.29 18.21 9.20
N VAL A 9 10.53 17.40 8.47
CA VAL A 9 11.00 16.79 7.23
C VAL A 9 10.23 17.44 6.08
N THR A 10 10.93 17.73 5.00
CA THR A 10 10.26 18.28 3.83
C THR A 10 9.99 17.18 2.81
N LEU A 11 8.77 17.18 2.28
CA LEU A 11 8.40 16.32 1.17
C LEU A 11 8.20 17.17 -0.09
N GLN A 12 9.11 17.04 -1.06
CA GLN A 12 9.09 17.88 -2.25
C GLN A 12 8.41 17.16 -3.41
N VAL A 13 7.34 17.73 -3.95
CA VAL A 13 6.75 17.14 -5.16
C VAL A 13 7.55 17.58 -6.37
N LYS A 14 7.93 16.62 -7.21
CA LYS A 14 8.60 16.92 -8.47
C LYS A 14 7.77 16.46 -9.67
N ASN A 15 7.47 17.41 -10.56
CA ASN A 15 6.65 17.14 -11.75
C ASN A 15 7.46 16.52 -12.88
N ASN A 16 7.28 15.22 -13.09
CA ASN A 16 7.98 14.51 -14.17
C ASN A 16 7.02 14.00 -15.23
N THR A 17 5.91 14.72 -15.42
CA THR A 17 4.87 14.29 -16.34
C THR A 17 5.17 14.73 -17.78
N ASN A 18 6.34 15.34 -17.98
CA ASN A 18 6.82 15.71 -19.31
C ASN A 18 5.81 16.49 -20.15
N GLY A 19 5.04 17.35 -19.48
CA GLY A 19 4.12 18.26 -20.15
C GLY A 19 2.67 17.83 -20.14
N GLN A 20 2.38 16.64 -19.59
CA GLN A 20 1.00 16.19 -19.51
C GLN A 20 0.20 17.05 -18.53
N TYR A 21 0.84 17.41 -17.42
CA TYR A 21 0.24 18.29 -16.42
C TYR A 21 1.24 19.34 -15.94
N SER A 22 0.75 20.56 -15.70
CA SER A 22 1.55 21.63 -15.11
C SER A 22 1.45 21.54 -13.60
N ASN A 23 2.30 22.28 -12.87
CA ASN A 23 2.20 22.28 -11.41
C ASN A 23 0.88 22.87 -10.92
N ASP A 24 0.26 23.69 -11.76
CA ASP A 24 -1.07 24.22 -11.48
C ASP A 24 -2.15 23.14 -11.63
N GLN A 25 -1.77 21.97 -12.13
CA GLN A 25 -2.72 20.87 -12.33
C GLN A 25 -2.41 19.67 -11.44
N ILE A 26 -1.50 19.86 -10.50
CA ILE A 26 -1.14 18.80 -9.55
C ILE A 26 -1.57 19.23 -8.14
N TYR A 27 -2.29 18.36 -7.45
CA TYR A 27 -2.81 18.69 -6.13
C TYR A 27 -2.29 17.73 -5.07
N TRP A 28 -1.85 18.24 -3.92
CA TRP A 28 -1.47 17.35 -2.83
C TRP A 28 -2.19 17.68 -1.52
N ALA A 29 -2.38 16.64 -0.72
CA ALA A 29 -2.90 16.75 0.64
C ALA A 29 -2.25 15.65 1.48
N ILE A 30 -1.92 15.96 2.73
CA ILE A 30 -1.43 14.91 3.64
C ILE A 30 -2.42 14.73 4.79
N VAL A 31 -2.88 13.49 4.96
CA VAL A 31 -3.78 13.16 6.04
C VAL A 31 -3.17 12.05 6.88
N GLY A 32 -3.42 12.07 8.18
CA GLY A 32 -2.79 11.11 9.06
C GLY A 32 -3.29 11.27 10.48
N LYS A 33 -2.51 10.77 11.44
CA LYS A 33 -2.89 10.92 12.84
C LYS A 33 -1.83 11.63 13.66
N ASP A 34 -2.28 12.51 14.54
CA ASP A 34 -1.41 13.12 15.54
C ASP A 34 -0.86 12.02 16.42
N PRO A 35 0.47 11.97 16.57
CA PRO A 35 1.13 10.93 17.36
C PRO A 35 0.66 10.89 18.82
N ASP A 36 0.28 12.04 19.38
CA ASP A 36 -0.07 12.09 20.80
C ASP A 36 -1.57 11.92 21.05
N THR A 37 -2.39 12.62 20.28
CA THR A 37 -3.84 12.61 20.49
C THR A 37 -4.52 11.48 19.73
N LYS A 38 -3.85 10.98 18.69
CA LYS A 38 -4.39 10.01 17.73
C LYS A 38 -5.56 10.57 16.90
N GLN A 39 -5.85 11.86 17.03
CA GLN A 39 -6.89 12.47 16.20
C GLN A 39 -6.46 12.40 14.74
N PHE A 40 -7.42 12.24 13.83
CA PHE A 40 -7.13 12.36 12.41
C PHE A 40 -6.92 13.83 12.08
N VAL A 41 -5.89 14.09 11.28
CA VAL A 41 -5.45 15.44 10.97
C VAL A 41 -5.14 15.59 9.50
N HIS A 42 -5.13 16.83 9.04
CA HIS A 42 -4.51 17.16 7.76
C HIS A 42 -3.40 18.15 8.04
N VAL A 43 -2.36 18.11 7.23
CA VAL A 43 -1.20 18.96 7.44
C VAL A 43 -1.37 20.26 6.67
N ASP A 44 -1.21 21.40 7.33
CA ASP A 44 -1.36 22.65 6.62
C ASP A 44 -0.03 22.97 5.92
N LEU A 45 0.07 24.17 5.35
CA LEU A 45 1.23 24.51 4.54
C LEU A 45 2.50 24.74 5.37
N ASN A 46 2.35 24.85 6.69
CA ASN A 46 3.52 25.09 7.53
C ASN A 46 3.87 23.89 8.41
N GLY A 47 3.23 22.75 8.16
CA GLY A 47 3.56 21.54 8.91
C GLY A 47 2.79 21.30 10.19
N ASN A 48 1.77 22.12 10.46
CA ASN A 48 0.91 21.90 11.62
C ASN A 48 -0.08 20.76 11.42
N LEU A 49 -0.32 19.97 12.45
CA LEU A 49 -1.30 18.89 12.35
C LEU A 49 -2.68 19.42 12.77
N ILE A 50 -3.48 19.85 11.80
CA ILE A 50 -4.81 20.42 12.10
C ILE A 50 -5.85 19.30 12.22
N PRO A 51 -6.50 19.20 13.39
CA PRO A 51 -7.53 18.16 13.57
C PRO A 51 -8.61 18.20 12.50
N MET A 52 -8.97 17.06 11.95
CA MET A 52 -10.13 17.03 11.07
C MET A 52 -11.40 17.24 11.89
N LYS A 53 -12.31 18.03 11.35
CA LYS A 53 -13.62 18.19 11.95
C LYS A 53 -14.70 18.02 10.87
N ILE A 54 -15.76 17.28 11.23
CA ILE A 54 -16.91 17.05 10.33
C ILE A 54 -17.36 18.31 9.58
N SER A 55 -17.19 19.47 10.22
CA SER A 55 -17.62 20.72 9.62
C SER A 55 -16.77 21.14 8.41
N ASP A 56 -15.64 20.47 8.20
CA ASP A 56 -14.75 20.78 7.08
C ASP A 56 -15.38 20.50 5.71
N ASN A 57 -16.33 19.56 5.67
CA ASN A 57 -17.02 19.23 4.42
C ASN A 57 -17.77 20.44 3.84
N ASP A 58 -18.23 21.33 4.70
CA ASP A 58 -19.11 22.43 4.28
C ASP A 58 -18.46 23.81 4.36
N ALA A 59 -17.26 23.87 4.96
CA ALA A 59 -16.56 25.15 5.13
C ALA A 59 -16.26 25.83 3.79
N ALA A 60 -15.88 27.10 3.85
CA ALA A 60 -15.55 27.89 2.67
C ALA A 60 -14.49 27.22 1.78
N GLY A 61 -14.79 27.15 0.49
CA GLY A 61 -13.87 26.55 -0.47
C GLY A 61 -13.97 25.04 -0.56
N HIS A 62 -15.06 24.48 -0.07
CA HIS A 62 -15.24 23.04 -0.10
C HIS A 62 -15.56 22.57 -1.51
N LEU A 63 -15.53 21.26 -1.71
CA LEU A 63 -15.80 20.69 -3.01
C LEU A 63 -17.21 20.15 -3.05
N THR A 64 -17.79 20.10 -4.25
CA THR A 64 -19.10 19.50 -4.41
C THR A 64 -19.08 18.61 -5.65
N LYS A 65 -19.77 17.47 -5.56
CA LYS A 65 -19.81 16.53 -6.68
C LYS A 65 -21.17 15.83 -6.75
N THR A 66 -21.70 15.71 -7.96
CA THR A 66 -22.91 14.92 -8.19
C THR A 66 -22.57 13.55 -8.74
N THR A 67 -22.90 12.50 -7.99
CA THR A 67 -22.68 11.13 -8.42
C THR A 67 -24.03 10.52 -8.78
N PRO A 68 -24.05 9.27 -9.30
CA PRO A 68 -25.39 8.71 -9.56
C PRO A 68 -26.25 8.57 -8.29
N ASP A 69 -25.63 8.66 -7.11
CA ASP A 69 -26.35 8.44 -5.87
C ASP A 69 -26.76 9.72 -5.16
N GLY A 70 -26.41 10.87 -5.74
CA GLY A 70 -26.77 12.16 -5.17
C GLY A 70 -25.71 13.24 -5.31
N THR A 71 -25.95 14.37 -4.64
CA THR A 71 -25.01 15.50 -4.64
C THR A 71 -24.46 15.74 -3.21
N PHE A 72 -23.13 15.83 -3.07
CA PHE A 72 -22.52 15.97 -1.75
C PHE A 72 -21.40 17.01 -1.69
N ASN A 73 -21.12 17.49 -0.48
CA ASN A 73 -20.01 18.40 -0.20
C ASN A 73 -18.83 17.66 0.44
N TYR A 74 -17.61 18.02 0.07
CA TYR A 74 -16.43 17.36 0.63
C TYR A 74 -15.41 18.35 1.14
N SER A 75 -14.62 17.92 2.12
CA SER A 75 -13.52 18.74 2.62
C SER A 75 -12.57 19.13 1.49
N ASN A 76 -11.67 20.04 1.77
CA ASN A 76 -10.73 20.46 0.75
C ASN A 76 -9.39 20.74 1.41
N TYR A 77 -8.64 19.67 1.61
CA TYR A 77 -7.35 19.76 2.26
C TYR A 77 -6.23 19.88 1.25
N PHE A 78 -6.58 20.02 -0.03
CA PHE A 78 -5.62 19.96 -1.12
C PHE A 78 -5.00 21.31 -1.46
N CYS A 79 -3.80 21.25 -2.01
CA CYS A 79 -3.03 22.42 -2.41
C CYS A 79 -2.41 22.20 -3.79
N LYS A 80 -2.50 23.19 -4.67
CA LYS A 80 -1.85 23.08 -5.99
C LYS A 80 -0.34 23.15 -5.83
N ALA A 81 0.39 22.36 -6.61
CA ALA A 81 1.86 22.43 -6.59
C ALA A 81 2.34 23.85 -6.93
N SER A 82 1.55 24.57 -7.73
CA SER A 82 1.92 25.92 -8.13
C SER A 82 1.81 26.91 -6.97
N GLN A 83 0.90 26.66 -6.03
CA GLN A 83 0.84 27.44 -4.78
C GLN A 83 2.00 27.08 -3.85
N GLN A 84 2.19 25.79 -3.60
CA GLN A 84 3.33 25.33 -2.81
C GLN A 84 3.65 23.90 -3.24
N SER A 85 4.88 23.67 -3.70
CA SER A 85 5.24 22.42 -4.34
C SER A 85 5.77 21.39 -3.36
N TYR A 86 5.87 21.79 -2.10
CA TYR A 86 6.45 20.95 -1.06
C TYR A 86 5.57 21.00 0.19
N ALA A 87 5.71 19.97 1.02
CA ALA A 87 5.06 19.89 2.31
C ALA A 87 6.09 19.76 3.44
N TYR A 88 5.79 20.34 4.60
CA TYR A 88 6.55 20.05 5.82
C TYR A 88 5.77 19.05 6.64
N ILE A 89 6.43 18.03 7.18
CA ILE A 89 5.77 17.19 8.20
C ILE A 89 6.55 17.18 9.50
N PRO A 90 5.83 17.14 10.62
CA PRO A 90 6.39 16.87 11.94
C PRO A 90 6.26 15.38 12.18
N LYS A 91 6.61 14.88 13.36
CA LYS A 91 6.31 13.49 13.71
C LYS A 91 4.83 13.23 13.42
N ILE A 92 4.53 12.06 12.86
CA ILE A 92 3.16 11.78 12.40
C ILE A 92 3.04 10.28 12.14
N ILE A 93 1.83 9.75 12.34
CA ILE A 93 1.61 8.32 12.10
C ILE A 93 0.46 8.06 11.13
N GLY A 94 0.49 6.87 10.51
CA GLY A 94 -0.55 6.42 9.60
C GLY A 94 -0.90 7.45 8.54
N ALA A 95 0.12 8.11 7.99
CA ALA A 95 -0.13 9.24 7.09
C ALA A 95 -0.14 8.84 5.63
N ARG A 96 -0.95 9.54 4.84
CA ARG A 96 -0.96 9.39 3.40
C ARG A 96 -0.84 10.76 2.73
N MET A 97 0.07 10.88 1.77
CA MET A 97 0.12 12.07 0.93
C MET A 97 -0.53 11.75 -0.40
N TYR A 98 -1.78 12.18 -0.58
CA TYR A 98 -2.48 11.98 -1.85
C TYR A 98 -2.01 13.03 -2.85
N ILE A 99 -1.67 12.59 -4.06
CA ILE A 99 -1.26 13.50 -5.12
C ILE A 99 -2.10 13.19 -6.34
N SER A 100 -2.93 14.14 -6.76
CA SER A 100 -3.83 13.90 -7.88
C SER A 100 -3.54 14.86 -9.03
N TYR A 101 -3.94 14.45 -10.23
CA TYR A 101 -3.72 15.23 -11.44
C TYR A 101 -5.05 15.81 -11.92
N GLY A 102 -5.04 17.05 -12.42
CA GLY A 102 -6.23 17.62 -13.05
C GLY A 102 -7.22 18.25 -12.09
N LYS A 103 -7.52 17.55 -11.00
CA LYS A 103 -8.41 18.07 -9.97
C LYS A 103 -8.07 17.40 -8.65
N PRO A 104 -8.46 18.03 -7.54
CA PRO A 104 -8.20 17.39 -6.26
C PRO A 104 -9.15 16.22 -6.02
N LEU A 105 -8.81 15.37 -5.07
CA LEU A 105 -9.68 14.27 -4.69
C LEU A 105 -10.83 14.79 -3.85
N TYR A 106 -11.92 14.04 -3.83
CA TYR A 106 -13.05 14.36 -2.95
C TYR A 106 -13.00 13.50 -1.69
N ILE A 107 -12.54 14.09 -0.59
CA ILE A 107 -12.43 13.37 0.67
C ILE A 107 -13.54 13.77 1.65
N LYS A 108 -14.38 12.81 2.02
CA LYS A 108 -15.48 13.03 2.97
C LYS A 108 -15.05 12.82 4.42
N VAL A 109 -15.11 13.86 5.25
CA VAL A 109 -14.82 13.70 6.67
C VAL A 109 -16.06 13.12 7.36
N ASN A 110 -15.86 12.24 8.33
CA ASN A 110 -16.97 11.52 8.95
C ASN A 110 -16.77 11.23 10.43
N GLN A 111 -17.46 10.19 10.90
CA GLN A 111 -17.21 9.54 12.19
C GLN A 111 -17.16 8.01 11.99
N ALA A 112 -16.04 7.39 12.39
CA ALA A 112 -15.96 5.93 12.38
C ALA A 112 -16.80 5.32 13.51
N ALA A 113 -17.16 4.04 13.36
CA ALA A 113 -18.06 3.38 14.30
C ALA A 113 -17.50 3.34 15.73
N ASP A 114 -16.18 3.26 15.85
CA ASP A 114 -15.54 3.15 17.18
C ASP A 114 -15.60 4.46 17.99
N GLY A 115 -16.09 5.52 17.36
CA GLY A 115 -16.40 6.75 18.06
C GLY A 115 -15.64 7.96 17.58
N LEU A 116 -14.54 7.74 16.87
CA LEU A 116 -13.63 8.81 16.51
C LEU A 116 -13.82 9.39 15.10
N ILE A 117 -13.47 10.66 14.95
CA ILE A 117 -13.61 11.40 13.70
C ILE A 117 -12.58 11.00 12.65
N GLY A 118 -13.03 10.58 11.47
CA GLY A 118 -12.12 10.10 10.45
C GLY A 118 -12.43 10.62 9.06
N TYR A 119 -11.86 9.96 8.06
CA TYR A 119 -12.12 10.37 6.68
C TYR A 119 -12.29 9.15 5.77
N ALA A 120 -13.00 9.37 4.67
CA ALA A 120 -13.16 8.36 3.65
C ALA A 120 -12.39 8.81 2.43
N GLY A 121 -11.34 8.06 2.09
CA GLY A 121 -10.63 8.29 0.84
C GLY A 121 -11.37 7.57 -0.26
N PRO A 122 -10.81 7.55 -1.48
CA PRO A 122 -11.50 6.90 -2.59
C PRO A 122 -11.81 5.44 -2.29
N ASN A 123 -13.04 5.04 -2.56
CA ASN A 123 -13.37 3.63 -2.55
C ASN A 123 -13.78 3.23 -3.94
N LEU A 124 -12.82 2.83 -4.76
CA LEU A 124 -13.10 2.61 -6.18
C LEU A 124 -13.82 1.30 -6.43
N ALA A 125 -14.17 0.57 -5.37
CA ALA A 125 -15.05 -0.59 -5.51
C ALA A 125 -16.49 -0.11 -5.75
N ASN A 126 -16.78 1.11 -5.34
CA ASN A 126 -18.08 1.74 -5.59
C ASN A 126 -18.05 2.59 -6.86
N THR A 127 -18.81 2.21 -7.89
CA THR A 127 -18.75 2.95 -9.15
C THR A 127 -19.34 4.35 -9.00
N SER A 128 -20.10 4.57 -7.93
CA SER A 128 -20.62 5.91 -7.65
C SER A 128 -19.75 6.73 -6.70
N ASP A 129 -18.53 6.26 -6.44
CA ASP A 129 -17.57 7.06 -5.69
C ASP A 129 -17.25 8.35 -6.45
N PRO A 130 -17.14 9.48 -5.74
CA PRO A 130 -16.86 10.78 -6.38
C PRO A 130 -15.51 10.86 -7.07
N ASN A 131 -14.62 9.93 -6.74
CA ASN A 131 -13.25 9.96 -7.24
C ASN A 131 -13.02 9.03 -8.43
N THR A 132 -14.07 8.38 -8.92
CA THR A 132 -13.95 7.49 -10.07
C THR A 132 -13.32 8.21 -11.26
N GLY A 133 -12.31 7.58 -11.85
CA GLY A 133 -11.67 8.16 -13.02
C GLY A 133 -10.56 9.17 -12.77
N ILE A 134 -10.38 9.64 -11.55
CA ILE A 134 -9.36 10.67 -11.29
C ILE A 134 -7.96 10.05 -11.21
N MET A 135 -7.00 10.70 -11.86
CA MET A 135 -5.60 10.27 -11.79
C MET A 135 -5.06 10.62 -10.42
N PHE A 136 -4.74 9.61 -9.62
CA PHE A 136 -4.13 9.88 -8.31
C PHE A 136 -3.31 8.69 -7.85
N GLU A 137 -2.33 8.99 -6.98
CA GLU A 137 -1.62 8.00 -6.19
C GLU A 137 -1.49 8.55 -4.77
N TRP A 138 -1.03 7.74 -3.83
CA TRP A 138 -0.59 8.29 -2.54
C TRP A 138 0.72 7.66 -2.08
N ALA A 139 1.52 8.46 -1.37
CA ALA A 139 2.67 7.96 -0.63
C ALA A 139 2.22 7.65 0.79
N GLU A 140 2.72 6.56 1.37
CA GLU A 140 2.43 6.24 2.77
C GLU A 140 3.64 6.57 3.63
N MET A 141 3.43 7.11 4.82
CA MET A 141 4.59 7.45 5.65
C MET A 141 4.26 7.53 7.13
N ALA A 142 5.28 7.31 7.95
CA ALA A 142 5.16 7.55 9.38
C ALA A 142 6.53 7.98 9.90
N TRP A 143 6.53 8.96 10.78
CA TRP A 143 7.76 9.44 11.38
C TRP A 143 7.57 9.30 12.87
N THR A 144 8.31 8.38 13.47
CA THR A 144 8.13 8.04 14.88
C THR A 144 9.44 8.21 15.64
N ASN A 145 9.43 7.74 16.88
CA ASN A 145 10.63 7.76 17.70
C ASN A 145 11.80 6.96 17.09
N ASP A 146 11.46 6.06 16.17
CA ASP A 146 12.43 5.15 15.57
C ASP A 146 12.83 5.52 14.15
N GLY A 147 12.41 6.70 13.67
CA GLY A 147 12.79 7.16 12.35
C GLY A 147 11.59 7.32 11.43
N LEU A 148 11.86 7.51 10.15
CA LEU A 148 10.82 7.74 9.17
C LEU A 148 10.75 6.59 8.18
N TRP A 149 9.53 6.15 7.86
CA TRP A 149 9.28 5.18 6.81
C TRP A 149 8.44 5.85 5.76
N ILE A 150 8.77 5.69 4.48
CA ILE A 150 7.93 6.27 3.45
C ILE A 150 7.95 5.32 2.26
N ASN A 151 6.81 5.18 1.58
CA ASN A 151 6.77 4.24 0.44
C ASN A 151 5.72 4.60 -0.60
N THR A 152 6.00 4.26 -1.85
CA THR A 152 4.97 4.14 -2.87
C THR A 152 4.19 2.87 -2.61
N THR A 153 3.00 2.73 -3.18
CA THR A 153 2.28 1.49 -2.98
C THR A 153 1.47 1.09 -4.21
N ARG A 154 1.60 -0.17 -4.60
CA ARG A 154 0.73 -0.72 -5.64
C ARG A 154 -0.21 -1.75 -5.03
N VAL A 155 -0.50 -1.61 -3.75
CA VAL A 155 -1.34 -2.61 -3.07
C VAL A 155 -2.78 -2.56 -3.59
N ASP A 156 -3.25 -1.35 -3.94
CA ASP A 156 -4.61 -1.20 -4.44
C ASP A 156 -4.68 -1.01 -5.95
N GLN A 157 -3.67 -0.37 -6.53
CA GLN A 157 -3.74 0.05 -7.92
C GLN A 157 -2.39 0.43 -8.53
N PHE A 158 -2.36 0.49 -9.86
CA PHE A 158 -1.41 1.31 -10.60
C PHE A 158 -2.16 2.32 -11.45
N CYS A 159 -1.93 3.61 -11.19
CA CYS A 159 -2.54 4.67 -11.99
C CYS A 159 -1.50 5.41 -12.83
N TYR A 160 -0.49 6.01 -12.17
CA TYR A 160 0.58 6.65 -12.92
C TYR A 160 1.92 6.35 -12.26
N PRO A 161 3.02 6.39 -13.04
CA PRO A 161 4.31 6.02 -12.44
C PRO A 161 4.82 7.06 -11.45
N TYR A 162 5.29 6.61 -10.29
CA TYR A 162 5.90 7.53 -9.33
C TYR A 162 6.93 6.81 -8.46
N ASN A 163 7.84 7.59 -7.92
CA ASN A 163 8.92 7.01 -7.14
C ASN A 163 9.32 8.04 -6.12
N ILE A 164 10.01 7.60 -5.07
CA ILE A 164 10.35 8.50 -4.00
C ILE A 164 11.84 8.38 -3.72
N GLN A 165 12.49 9.52 -3.55
CA GLN A 165 13.88 9.57 -3.09
C GLN A 165 13.90 10.04 -1.64
N LEU A 166 14.41 9.21 -0.74
CA LEU A 166 14.51 9.61 0.65
C LEU A 166 15.96 9.91 0.98
N VAL A 167 16.20 11.07 1.57
CA VAL A 167 17.54 11.54 1.87
C VAL A 167 17.68 11.76 3.37
N GLY A 168 18.63 11.08 3.97
CA GLY A 168 18.86 11.23 5.41
C GLY A 168 19.82 12.37 5.70
N ASN A 169 19.91 12.74 6.97
CA ASN A 169 20.84 13.79 7.40
C ASN A 169 22.30 13.38 7.37
N SER A 170 22.59 12.07 7.31
CA SER A 170 23.98 11.64 7.51
C SER A 170 24.44 10.49 6.61
N GLY A 171 23.88 10.40 5.41
CA GLY A 171 24.44 9.49 4.41
C GLY A 171 23.45 8.73 3.56
N TYR A 172 22.26 8.50 4.09
CA TYR A 172 21.26 7.67 3.42
C TYR A 172 20.70 8.40 2.21
N ASN A 173 20.70 7.73 1.06
CA ASN A 173 20.14 8.32 -0.14
C ASN A 173 19.66 7.22 -1.07
N LYS A 174 18.37 6.94 -1.04
CA LYS A 174 17.79 5.84 -1.83
C LYS A 174 16.53 6.27 -2.56
N THR A 175 16.28 5.64 -3.69
CA THR A 175 15.10 5.92 -4.52
C THR A 175 14.38 4.62 -4.89
N TYR A 176 13.14 4.49 -4.43
CA TYR A 176 12.32 3.32 -4.76
C TYR A 176 11.01 3.75 -5.41
N GLY A 177 10.62 3.02 -6.45
CA GLY A 177 9.33 3.25 -7.09
C GLY A 177 9.31 2.71 -8.51
N ASP A 178 8.31 3.14 -9.29
CA ASP A 178 8.12 2.65 -10.65
C ASP A 178 9.22 3.11 -11.59
N THR A 179 9.47 2.30 -12.61
CA THR A 179 10.29 2.75 -13.74
C THR A 179 9.47 2.67 -15.01
N GLY A 180 9.60 3.66 -15.88
CA GLY A 180 8.90 3.63 -17.15
C GLY A 180 7.75 4.62 -17.22
N THR A 181 7.25 4.84 -18.43
CA THR A 181 6.08 5.69 -18.65
C THR A 181 4.77 4.94 -18.43
N ARG A 182 3.71 5.69 -18.19
CA ARG A 182 2.40 5.12 -17.94
C ARG A 182 1.94 4.26 -19.13
N ALA A 183 1.98 4.83 -20.34
CA ALA A 183 1.57 4.11 -21.55
C ALA A 183 2.35 2.81 -21.71
N ASP A 184 3.67 2.88 -21.55
CA ASP A 184 4.49 1.67 -21.71
C ASP A 184 4.18 0.63 -20.66
N LEU A 185 3.94 1.07 -19.42
CA LEU A 185 3.66 0.12 -18.34
C LEU A 185 2.30 -0.56 -18.51
N MET A 186 1.29 0.23 -18.86
CA MET A 186 -0.03 -0.29 -19.19
C MET A 186 0.02 -1.35 -20.28
N ASN A 187 0.69 -1.03 -21.38
CA ASN A 187 0.79 -1.95 -22.51
C ASN A 187 1.57 -3.21 -22.15
N ALA A 188 2.71 -3.02 -21.49
CA ALA A 188 3.52 -4.17 -21.06
C ALA A 188 2.76 -5.08 -20.12
N TYR A 189 2.03 -4.49 -19.18
CA TYR A 189 1.23 -5.29 -18.25
C TYR A 189 0.30 -6.23 -19.02
N LYS A 190 -0.49 -5.66 -19.94
CA LYS A 190 -1.48 -6.43 -20.70
C LYS A 190 -0.82 -7.61 -21.44
N ASN A 191 0.36 -7.37 -22.00
CA ASN A 191 1.08 -8.40 -22.74
C ASN A 191 1.77 -9.44 -21.84
N SER A 192 2.05 -9.08 -20.60
CA SER A 192 2.83 -9.95 -19.71
C SER A 192 2.01 -10.96 -18.91
N VAL A 193 0.98 -10.50 -18.20
CA VAL A 193 0.35 -11.32 -17.18
C VAL A 193 -0.50 -12.44 -17.76
N PRO A 194 -0.66 -13.52 -16.98
CA PRO A 194 -1.56 -14.62 -17.35
C PRO A 194 -3.00 -14.11 -17.55
N ALA A 195 -3.79 -14.89 -18.26
CA ALA A 195 -5.14 -14.48 -18.64
C ALA A 195 -5.97 -13.95 -17.48
N GLU A 196 -5.91 -14.61 -16.32
CA GLU A 196 -6.73 -14.20 -15.17
C GLU A 196 -6.47 -12.76 -14.72
N PHE A 197 -5.28 -12.24 -15.02
CA PHE A 197 -4.89 -10.93 -14.51
C PHE A 197 -5.04 -9.80 -15.53
N LYS A 198 -5.34 -10.14 -16.78
CA LYS A 198 -5.33 -9.15 -17.86
C LYS A 198 -6.42 -8.09 -17.74
N SER A 199 -7.63 -8.48 -17.33
CA SER A 199 -8.74 -7.52 -17.34
C SER A 199 -8.73 -6.62 -16.11
N LEU A 200 -7.69 -6.74 -15.29
CA LEU A 200 -7.49 -5.78 -14.20
C LEU A 200 -7.20 -4.40 -14.76
N VAL A 201 -6.74 -4.37 -16.01
CA VAL A 201 -6.44 -3.13 -16.72
C VAL A 201 -7.71 -2.38 -17.10
N HIS A 202 -7.83 -1.15 -16.62
CA HIS A 202 -8.85 -0.23 -17.11
C HIS A 202 -8.11 0.94 -17.74
N SER A 203 -8.83 1.85 -18.36
CA SER A 203 -8.17 2.96 -19.04
C SER A 203 -7.52 3.92 -18.03
N ASP A 204 -8.12 4.03 -16.84
CA ASP A 204 -7.63 4.99 -15.85
C ASP A 204 -6.60 4.40 -14.87
N ARG A 205 -6.74 3.12 -14.54
CA ARG A 205 -5.80 2.47 -13.62
C ARG A 205 -5.85 0.95 -13.79
N ILE A 206 -4.85 0.26 -13.28
CA ILE A 206 -4.93 -1.19 -13.16
C ILE A 206 -5.23 -1.56 -11.71
N TYR A 207 -6.32 -2.30 -11.50
CA TYR A 207 -6.71 -2.68 -10.16
C TYR A 207 -5.88 -3.85 -9.67
N ALA A 208 -5.46 -3.77 -8.41
CA ALA A 208 -4.95 -4.96 -7.76
C ALA A 208 -6.05 -6.03 -7.77
N PRO A 209 -5.66 -7.32 -7.68
CA PRO A 209 -6.60 -8.43 -7.88
C PRO A 209 -7.93 -8.34 -7.11
N ALA A 210 -7.86 -8.08 -5.82
CA ALA A 210 -9.09 -8.04 -5.03
C ALA A 210 -9.36 -6.64 -4.54
N SER A 211 -8.94 -5.65 -5.30
CA SER A 211 -9.20 -4.26 -4.93
C SER A 211 -10.07 -3.57 -5.98
N GLY A 212 -10.95 -2.68 -5.54
CA GLY A 212 -11.74 -1.88 -6.45
C GLY A 212 -12.58 -2.72 -7.38
N LEU A 213 -12.40 -2.53 -8.68
CA LEU A 213 -13.12 -3.33 -9.69
C LEU A 213 -12.34 -4.58 -10.10
N GLY A 214 -11.39 -4.97 -9.26
CA GLY A 214 -10.61 -6.18 -9.47
C GLY A 214 -11.47 -7.44 -9.49
N THR A 215 -10.98 -8.45 -10.21
CA THR A 215 -11.75 -9.65 -10.49
C THR A 215 -11.50 -10.81 -9.53
N PHE A 216 -10.78 -10.56 -8.44
CA PHE A 216 -10.40 -11.62 -7.54
C PHE A 216 -11.13 -11.54 -6.21
N THR A 217 -12.10 -10.63 -6.12
CA THR A 217 -12.97 -10.59 -4.97
C THR A 217 -13.87 -11.81 -4.98
N ALA A 218 -14.57 -12.03 -3.87
CA ALA A 218 -15.31 -13.26 -3.64
C ALA A 218 -16.45 -13.43 -4.63
N SER A 219 -16.90 -12.32 -5.21
CA SER A 219 -18.05 -12.38 -6.09
C SER A 219 -17.67 -12.40 -7.57
N GLN A 220 -16.37 -12.31 -7.87
CA GLN A 220 -15.92 -12.19 -9.25
C GLN A 220 -15.38 -13.51 -9.84
N ALA A 221 -15.05 -13.49 -11.12
CA ALA A 221 -14.64 -14.69 -11.85
C ALA A 221 -13.48 -15.46 -11.22
N ASN A 222 -12.53 -14.74 -10.65
CA ASN A 222 -11.31 -15.37 -10.12
C ASN A 222 -11.30 -15.52 -8.60
N ALA A 223 -12.50 -15.62 -8.03
CA ALA A 223 -12.69 -15.65 -6.59
C ALA A 223 -11.98 -16.80 -5.92
N HIS A 224 -11.72 -17.86 -6.69
CA HIS A 224 -11.15 -19.08 -6.12
C HIS A 224 -9.76 -19.39 -6.69
N TYR A 225 -9.09 -18.36 -7.20
CA TYR A 225 -7.82 -18.52 -7.91
C TYR A 225 -6.77 -19.29 -7.09
N PHE A 226 -6.70 -19.03 -5.79
CA PHE A 226 -5.66 -19.67 -4.98
C PHE A 226 -6.09 -20.95 -4.29
N ASP A 227 -7.36 -21.32 -4.43
CA ASP A 227 -7.96 -22.37 -3.58
C ASP A 227 -7.27 -23.73 -3.64
N SER A 228 -7.02 -24.24 -4.84
CA SER A 228 -6.41 -25.56 -4.97
C SER A 228 -5.01 -25.57 -4.35
N TYR A 229 -4.26 -24.49 -4.54
CA TYR A 229 -2.90 -24.37 -4.02
C TYR A 229 -2.96 -24.33 -2.51
N ILE A 230 -3.87 -23.52 -1.98
CA ILE A 230 -4.08 -23.47 -0.53
C ILE A 230 -4.39 -24.85 0.03
N ASN A 231 -5.30 -25.56 -0.64
CA ASN A 231 -5.66 -26.92 -0.25
C ASN A 231 -4.45 -27.86 -0.25
N ASP A 232 -3.66 -27.82 -1.32
CA ASP A 232 -2.47 -28.69 -1.43
C ASP A 232 -1.51 -28.41 -0.28
N VAL A 233 -1.28 -27.13 -0.03
CA VAL A 233 -0.33 -26.70 0.99
C VAL A 233 -0.78 -27.10 2.40
N TYR A 234 -2.06 -26.87 2.72
CA TYR A 234 -2.55 -27.32 4.03
C TYR A 234 -2.55 -28.85 4.18
N SER A 235 -2.81 -29.57 3.09
CA SER A 235 -2.79 -31.03 3.09
C SER A 235 -1.37 -31.54 3.30
N TYR A 236 -0.43 -30.93 2.58
CA TYR A 236 0.99 -31.27 2.68
C TYR A 236 1.52 -31.08 4.10
N TYR A 237 1.26 -29.91 4.71
CA TYR A 237 1.83 -29.57 6.00
C TYR A 237 1.05 -30.18 7.17
N ALA A 238 0.05 -30.98 6.87
CA ALA A 238 -0.57 -31.80 7.91
C ALA A 238 0.42 -32.86 8.40
N THR A 239 1.30 -33.32 7.51
CA THR A 239 2.25 -34.36 7.87
C THR A 239 3.71 -34.00 7.61
N HIS A 240 3.96 -32.79 7.13
CA HIS A 240 5.32 -32.28 7.01
C HIS A 240 5.48 -31.00 7.81
N GLU A 241 6.71 -30.66 8.17
CA GLU A 241 6.99 -29.43 8.91
C GLU A 241 7.34 -28.29 7.97
N LEU A 242 6.78 -27.12 8.27
CA LEU A 242 7.17 -25.88 7.62
C LEU A 242 8.11 -25.15 8.56
N THR A 243 9.37 -25.08 8.20
CA THR A 243 10.37 -24.47 9.06
C THR A 243 11.07 -23.33 8.37
N PHE A 244 11.06 -22.17 9.02
CA PHE A 244 11.71 -21.01 8.44
C PHE A 244 12.37 -20.15 9.52
N THR A 245 13.33 -19.35 9.09
CA THR A 245 14.03 -18.44 9.97
C THR A 245 13.97 -17.03 9.42
N CYS A 246 13.63 -16.07 10.28
CA CYS A 246 13.78 -14.66 9.97
C CYS A 246 14.53 -14.00 11.11
N ASP A 247 14.50 -12.68 11.19
CA ASP A 247 15.21 -11.97 12.25
C ASP A 247 14.69 -12.34 13.65
N ARG A 248 13.38 -12.55 13.77
CA ARG A 248 12.73 -12.82 15.05
C ARG A 248 13.09 -14.18 15.64
N GLY A 249 13.53 -15.10 14.78
CA GLY A 249 13.93 -16.42 15.23
C GLY A 249 13.50 -17.49 14.24
N THR A 250 13.57 -18.75 14.66
CA THR A 250 13.15 -19.85 13.80
C THR A 250 11.81 -20.41 14.24
N TYR A 251 10.88 -20.44 13.29
CA TYR A 251 9.54 -20.93 13.54
C TYR A 251 9.31 -22.24 12.80
N SER A 252 8.58 -23.17 13.41
CA SER A 252 8.25 -24.42 12.73
C SER A 252 6.77 -24.71 12.89
N GLY A 253 6.10 -25.07 11.80
CA GLY A 253 4.67 -25.21 11.85
C GLY A 253 4.15 -26.47 11.19
N HIS A 254 2.92 -26.84 11.54
CA HIS A 254 2.22 -27.95 10.91
C HIS A 254 0.72 -27.73 11.02
N VAL A 255 -0.03 -28.32 10.11
CA VAL A 255 -1.48 -28.15 10.12
C VAL A 255 -2.09 -29.20 11.02
N VAL A 256 -2.83 -28.75 12.03
CA VAL A 256 -3.56 -29.61 12.93
C VAL A 256 -5.03 -29.26 12.81
N GLY A 257 -5.80 -30.15 12.21
CA GLY A 257 -7.16 -29.83 11.85
C GLY A 257 -7.17 -28.75 10.77
N ASN A 258 -7.71 -27.58 11.11
CA ASN A 258 -7.77 -26.48 10.16
C ASN A 258 -6.84 -25.34 10.54
N ASP A 259 -6.13 -25.52 11.64
CA ASP A 259 -5.18 -24.52 12.13
C ASP A 259 -3.77 -24.80 11.65
N PHE A 260 -2.99 -23.74 11.48
CA PHE A 260 -1.57 -23.84 11.20
C PHE A 260 -0.86 -23.47 12.49
N VAL A 261 -0.27 -24.46 13.16
CA VAL A 261 0.31 -24.26 14.48
C VAL A 261 1.84 -24.26 14.49
N PHE A 262 2.42 -23.21 15.08
CA PHE A 262 3.87 -23.05 15.08
C PHE A 262 4.46 -23.02 16.49
N ASN A 263 5.75 -23.34 16.55
CA ASN A 263 6.53 -23.09 17.74
C ASN A 263 7.60 -22.07 17.41
N LYS A 264 8.35 -21.65 18.42
CA LYS A 264 9.41 -20.66 18.25
C LYS A 264 10.69 -21.15 18.91
N ASN A 265 11.77 -21.19 18.14
CA ASN A 265 13.06 -21.68 18.60
C ASN A 265 12.97 -23.03 19.31
N GLY A 266 12.17 -23.93 18.74
CA GLY A 266 12.08 -25.29 19.23
C GLY A 266 11.20 -25.49 20.45
N GLY A 267 10.34 -24.52 20.75
CA GLY A 267 9.46 -24.61 21.91
C GLY A 267 8.17 -25.36 21.63
N ALA A 268 7.19 -25.20 22.52
CA ALA A 268 5.89 -25.83 22.34
C ALA A 268 5.15 -25.21 21.16
N TYR A 269 4.30 -25.98 20.50
CA TYR A 269 3.52 -25.45 19.40
C TYR A 269 2.26 -24.76 19.92
N ASN A 270 2.30 -23.42 19.95
CA ASN A 270 1.20 -22.63 20.51
C ASN A 270 0.98 -21.31 19.79
N LEU A 271 1.53 -21.18 18.59
CA LEU A 271 1.35 -19.99 17.79
C LEU A 271 0.47 -20.32 16.59
N TYR A 272 -0.69 -19.66 16.50
CA TYR A 272 -1.73 -20.08 15.58
C TYR A 272 -2.04 -19.14 14.41
N ILE A 273 -2.19 -19.72 13.23
CA ILE A 273 -3.07 -19.16 12.22
C ILE A 273 -4.38 -19.93 12.36
N HIS A 274 -5.44 -19.23 12.77
CA HIS A 274 -6.73 -19.88 12.97
C HIS A 274 -7.52 -20.04 11.68
N GLY A 275 -7.44 -21.21 11.09
CA GLY A 275 -8.20 -21.51 9.89
C GLY A 275 -7.37 -21.61 8.63
N LYS A 276 -8.06 -21.96 7.54
CA LYS A 276 -7.46 -22.06 6.22
C LYS A 276 -7.90 -20.85 5.38
N PRO A 277 -6.93 -20.13 4.80
CA PRO A 277 -7.26 -18.85 4.14
C PRO A 277 -8.08 -18.99 2.85
N SER A 278 -8.90 -17.99 2.57
CA SER A 278 -9.53 -17.86 1.27
C SER A 278 -8.55 -17.24 0.29
N THR A 279 -8.95 -17.22 -0.98
CA THR A 279 -8.20 -16.50 -2.01
C THR A 279 -8.11 -15.01 -1.66
N GLN A 280 -9.19 -14.46 -1.10
CA GLN A 280 -9.21 -13.04 -0.76
C GLN A 280 -8.27 -12.76 0.39
N GLU A 281 -8.20 -13.66 1.36
CA GLU A 281 -7.32 -13.44 2.51
C GLU A 281 -5.85 -13.49 2.10
N VAL A 282 -5.52 -14.33 1.12
CA VAL A 282 -4.16 -14.34 0.59
C VAL A 282 -3.85 -13.00 -0.08
N LEU A 283 -4.71 -12.59 -0.99
CA LEU A 283 -4.48 -11.37 -1.77
C LEU A 283 -4.46 -10.11 -0.92
N LEU A 284 -5.28 -10.10 0.13
CA LEU A 284 -5.45 -8.89 0.93
C LEU A 284 -4.70 -8.89 2.25
N GLY A 285 -4.32 -10.05 2.74
CA GLY A 285 -3.56 -10.15 3.96
C GLY A 285 -4.40 -9.86 5.20
N ASN A 286 -5.72 -10.00 5.06
CA ASN A 286 -6.61 -9.71 6.17
C ASN A 286 -7.26 -10.98 6.71
N GLY A 287 -8.40 -10.87 7.38
CA GLY A 287 -9.08 -12.05 7.88
C GLY A 287 -8.22 -12.82 8.87
N ILE A 288 -7.96 -14.10 8.59
CA ILE A 288 -7.19 -14.92 9.51
C ILE A 288 -5.73 -14.48 9.58
N PHE A 289 -5.29 -13.69 8.59
CA PHE A 289 -3.95 -13.14 8.61
C PHE A 289 -3.86 -11.88 9.49
N ASP A 290 -5.00 -11.45 10.04
CA ASP A 290 -5.05 -10.34 10.99
C ASP A 290 -5.01 -10.84 12.42
N GLY A 291 -4.46 -10.03 13.33
CA GLY A 291 -4.53 -10.28 14.75
C GLY A 291 -3.42 -11.17 15.28
N GLY A 292 -3.42 -11.37 16.60
CA GLY A 292 -2.47 -12.28 17.25
C GLY A 292 -1.37 -11.54 17.98
N ASN A 293 -0.56 -12.28 18.72
CA ASN A 293 0.62 -11.70 19.36
C ASN A 293 1.69 -11.38 18.31
N ASP A 294 2.80 -10.78 18.73
CA ASP A 294 3.82 -10.34 17.77
C ASP A 294 4.40 -11.50 16.94
N ASP A 295 4.48 -12.68 17.54
CA ASP A 295 5.01 -13.84 16.82
C ASP A 295 4.03 -14.30 15.76
N GLU A 296 2.76 -14.37 16.15
CA GLU A 296 1.70 -14.79 15.24
C GLU A 296 1.57 -13.81 14.08
N LYS A 297 1.73 -12.52 14.38
CA LYS A 297 1.68 -11.49 13.35
C LYS A 297 2.78 -11.69 12.32
N ALA A 298 4.01 -11.89 12.78
CA ALA A 298 5.14 -12.12 11.89
C ALA A 298 5.00 -13.42 11.08
N ILE A 299 4.51 -14.47 11.74
CA ILE A 299 4.23 -15.73 11.05
C ILE A 299 3.17 -15.56 9.97
N LYS A 300 2.09 -14.86 10.29
CA LYS A 300 1.02 -14.61 9.32
C LYS A 300 1.54 -13.82 8.12
N ALA A 301 2.45 -12.87 8.38
CA ALA A 301 3.03 -12.05 7.31
C ALA A 301 3.84 -12.93 6.35
N GLN A 302 4.65 -13.81 6.92
CA GLN A 302 5.49 -14.68 6.12
C GLN A 302 4.65 -15.65 5.30
N VAL A 303 3.63 -16.22 5.93
CA VAL A 303 2.81 -17.21 5.25
C VAL A 303 1.99 -16.55 4.13
N CYS A 304 1.41 -15.39 4.42
CA CYS A 304 0.67 -14.68 3.38
C CYS A 304 1.57 -14.35 2.18
N ALA A 305 2.74 -13.79 2.47
CA ALA A 305 3.68 -13.43 1.41
C ALA A 305 4.11 -14.66 0.63
N ALA A 306 4.28 -15.79 1.32
CA ALA A 306 4.74 -17.00 0.63
C ALA A 306 3.65 -17.57 -0.29
N PHE A 307 2.40 -17.42 0.12
CA PHE A 307 1.30 -17.78 -0.77
C PHE A 307 1.29 -16.90 -2.01
N ASN A 308 1.35 -15.58 -1.83
CA ASN A 308 1.38 -14.70 -3.00
C ASN A 308 2.55 -14.97 -3.94
N ARG A 309 3.68 -15.36 -3.37
CA ARG A 309 4.91 -15.58 -4.13
C ARG A 309 5.04 -17.03 -4.63
N HIS A 310 4.05 -17.86 -4.26
CA HIS A 310 4.02 -19.31 -4.56
C HIS A 310 5.33 -20.00 -4.14
N VAL A 311 5.67 -19.91 -2.85
CA VAL A 311 6.84 -20.58 -2.32
C VAL A 311 6.55 -21.23 -0.96
N MET A 312 5.27 -21.48 -0.68
CA MET A 312 4.87 -22.07 0.60
C MET A 312 5.54 -23.44 0.82
N LEU A 313 5.88 -24.12 -0.26
CA LEU A 313 6.54 -25.43 -0.14
C LEU A 313 8.07 -25.34 -0.16
N ASP A 314 8.62 -24.14 -0.17
CA ASP A 314 10.07 -23.96 -0.19
C ASP A 314 10.52 -22.87 0.78
N PRO A 315 10.31 -23.10 2.08
CA PRO A 315 10.67 -22.08 3.09
C PRO A 315 12.15 -21.67 3.09
N ALA A 316 13.07 -22.55 2.72
CA ALA A 316 14.48 -22.18 2.68
C ALA A 316 14.74 -20.99 1.77
N HIS A 317 13.84 -20.75 0.81
CA HIS A 317 14.06 -19.72 -0.21
C HIS A 317 13.06 -18.58 -0.12
N TRP A 318 12.42 -18.43 1.03
CA TRP A 318 11.48 -17.35 1.24
C TRP A 318 12.15 -15.98 1.11
N ASN A 319 13.46 -15.93 1.29
CA ASN A 319 14.20 -14.68 1.17
C ASN A 319 14.89 -14.50 -0.20
N ASN A 320 14.57 -15.36 -1.16
CA ASN A 320 15.28 -15.32 -2.44
C ASN A 320 14.31 -15.18 -3.61
N SER A 321 14.25 -13.97 -4.18
CA SER A 321 13.25 -13.64 -5.18
C SER A 321 13.40 -14.44 -6.47
N ALA A 322 14.54 -15.12 -6.61
CA ALA A 322 14.77 -15.94 -7.78
C ALA A 322 13.81 -17.12 -7.79
N TYR A 323 13.21 -17.40 -6.64
CA TYR A 323 12.29 -18.53 -6.53
C TYR A 323 10.82 -18.10 -6.52
N PHE A 324 10.56 -16.80 -6.53
CA PHE A 324 9.19 -16.28 -6.41
C PHE A 324 8.47 -16.34 -7.77
N TYR A 325 7.15 -16.53 -7.72
CA TYR A 325 6.27 -16.41 -8.88
C TYR A 325 6.61 -17.37 -10.02
N LYS A 326 7.15 -18.54 -9.68
CA LYS A 326 7.63 -19.49 -10.69
C LYS A 326 6.53 -20.41 -11.22
N ASP A 327 5.42 -20.48 -10.51
CA ASP A 327 4.27 -21.20 -11.05
C ASP A 327 2.97 -20.63 -10.51
N ALA A 328 1.90 -20.87 -11.27
CA ALA A 328 0.56 -20.44 -10.89
C ALA A 328 -0.06 -21.42 -9.90
N PRO A 329 -0.91 -20.92 -8.98
CA PRO A 329 -1.31 -19.52 -8.84
C PRO A 329 -0.27 -18.69 -8.11
N ALA A 330 -0.07 -17.45 -8.56
CA ALA A 330 0.79 -16.52 -7.84
C ALA A 330 0.25 -15.13 -8.08
N ASN A 331 0.75 -14.15 -7.34
CA ASN A 331 0.27 -12.78 -7.53
C ASN A 331 1.02 -12.12 -8.68
N TYR A 332 0.59 -12.41 -9.91
CA TYR A 332 1.29 -11.91 -11.09
C TYR A 332 1.15 -10.39 -11.26
N PHE A 333 0.10 -9.83 -10.69
CA PHE A 333 0.00 -8.37 -10.56
C PHE A 333 1.22 -7.84 -9.77
N ALA A 334 1.45 -8.38 -8.58
CA ALA A 334 2.57 -7.94 -7.75
C ALA A 334 3.90 -8.11 -8.48
N LYS A 335 4.07 -9.28 -9.07
CA LYS A 335 5.32 -9.59 -9.79
C LYS A 335 5.59 -8.56 -10.90
N PHE A 336 4.55 -8.14 -11.61
CA PHE A 336 4.77 -7.12 -12.64
C PHE A 336 5.43 -5.85 -12.08
N TRP A 337 4.97 -5.37 -10.94
CA TRP A 337 5.52 -4.10 -10.42
C TRP A 337 6.96 -4.31 -9.96
N HIS A 338 7.25 -5.48 -9.38
CA HIS A 338 8.63 -5.78 -9.02
C HIS A 338 9.50 -5.75 -10.27
N ASP A 339 8.98 -6.26 -11.39
CA ASP A 339 9.76 -6.34 -12.62
C ASP A 339 9.89 -4.97 -13.26
N HIS A 340 9.16 -3.98 -12.76
CA HIS A 340 9.24 -2.62 -13.28
C HIS A 340 9.41 -1.58 -12.17
N SER A 341 10.49 -1.71 -11.42
CA SER A 341 10.77 -0.79 -10.32
C SER A 341 12.26 -0.79 -10.05
N TYR A 342 12.75 0.24 -9.37
CA TYR A 342 14.15 0.31 -9.01
C TYR A 342 14.52 -0.84 -8.05
N GLU A 343 15.55 -1.60 -8.42
CA GLU A 343 16.03 -2.72 -7.62
C GLU A 343 14.95 -3.75 -7.31
N ASN A 344 13.95 -3.81 -8.18
CA ASN A 344 12.81 -4.70 -8.01
C ASN A 344 12.08 -4.57 -6.67
N LYS A 345 12.12 -3.35 -6.09
CA LYS A 345 11.47 -3.06 -4.83
C LYS A 345 10.08 -2.49 -5.07
N SER A 346 9.05 -3.16 -4.55
CA SER A 346 7.69 -2.70 -4.81
C SER A 346 6.74 -3.22 -3.74
N TYR A 347 5.77 -2.37 -3.35
CA TYR A 347 4.64 -2.88 -2.58
C TYR A 347 3.58 -3.42 -3.54
N GLY A 348 3.72 -4.67 -3.96
CA GLY A 348 2.78 -5.27 -4.91
C GLY A 348 1.57 -5.90 -4.23
N PHE A 349 1.72 -6.20 -2.94
CA PHE A 349 0.64 -6.69 -2.11
C PHE A 349 0.99 -6.38 -0.66
N CYS A 350 0.01 -6.50 0.23
CA CYS A 350 0.11 -6.05 1.62
C CYS A 350 1.43 -6.39 2.32
N TYR A 351 1.83 -7.66 2.26
CA TYR A 351 3.00 -8.13 3.00
C TYR A 351 4.29 -8.22 2.19
N ASP A 352 4.41 -7.39 1.16
CA ASP A 352 5.56 -7.46 0.28
C ASP A 352 6.85 -7.03 0.97
N ASP A 353 6.74 -6.45 2.15
CA ASP A 353 7.93 -6.05 2.90
C ASP A 353 8.56 -7.25 3.63
N VAL A 354 7.90 -8.40 3.55
CA VAL A 354 8.52 -9.63 4.06
C VAL A 354 9.83 -9.86 3.31
N PHE A 355 10.92 -9.93 4.08
CA PHE A 355 12.29 -10.07 3.56
C PHE A 355 12.67 -8.90 2.65
N ASP A 356 12.05 -7.75 2.92
CA ASP A 356 12.47 -6.43 2.41
C ASP A 356 12.41 -6.28 0.89
N PHE A 357 11.33 -6.75 0.27
CA PHE A 357 11.17 -6.60 -1.17
C PHE A 357 10.25 -5.44 -1.54
N SER A 358 9.78 -4.72 -0.53
CA SER A 358 8.82 -3.64 -0.77
C SER A 358 9.56 -2.35 -1.14
N SER A 359 8.78 -1.32 -1.47
CA SER A 359 9.32 -0.02 -1.81
C SER A 359 9.59 0.83 -0.58
N THR A 360 9.59 0.21 0.60
CA THR A 360 9.75 0.98 1.83
C THR A 360 11.14 1.58 1.93
N LEU A 361 11.19 2.90 2.07
CA LEU A 361 12.41 3.64 2.42
C LEU A 361 12.37 3.94 3.91
N HIS A 362 13.52 3.86 4.58
CA HIS A 362 13.57 4.08 6.01
C HIS A 362 14.92 4.61 6.45
N VAL A 363 14.90 5.61 7.34
CA VAL A 363 16.14 6.08 7.97
C VAL A 363 15.82 6.75 9.31
N ALA A 364 16.76 6.63 10.25
CA ALA A 364 16.55 7.13 11.60
C ALA A 364 16.44 8.65 11.60
N ASP A 365 17.23 9.28 10.74
CA ASP A 365 17.43 10.73 10.77
C ASP A 365 17.09 11.39 9.43
N PRO A 366 15.81 11.42 9.08
CA PRO A 366 15.39 11.92 7.77
C PRO A 366 15.61 13.42 7.61
N LYS A 367 16.01 13.84 6.41
CA LYS A 367 16.17 15.25 6.06
C LYS A 367 15.05 15.69 5.13
N TYR A 368 14.93 15.02 3.99
CA TYR A 368 13.84 15.32 3.08
C TYR A 368 13.58 14.15 2.14
N ALA A 369 12.43 14.18 1.47
CA ALA A 369 12.14 13.24 0.39
C ALA A 369 11.65 13.97 -0.84
N ILE A 370 12.01 13.45 -2.01
CA ILE A 370 11.45 13.95 -3.27
C ILE A 370 10.39 12.97 -3.77
N ILE A 371 9.19 13.47 -4.05
CA ILE A 371 8.18 12.60 -4.62
C ILE A 371 8.03 12.93 -6.09
N ASN A 372 8.58 12.03 -6.90
CA ASN A 372 8.63 12.18 -8.33
C ASN A 372 7.38 11.62 -8.99
N VAL A 373 6.52 12.50 -9.47
CA VAL A 373 5.27 12.02 -10.05
C VAL A 373 5.33 12.18 -11.58
N GLY A 374 5.03 11.09 -12.29
CA GLY A 374 5.30 11.06 -13.71
C GLY A 374 4.12 10.66 -14.57
N TRP A 375 4.41 10.31 -15.83
CA TRP A 375 3.35 10.00 -16.80
C TRP A 375 3.90 9.14 -17.95
#